data_6T29
#
_entry.id   6T29
#
_cell.length_a   57.820
_cell.length_b   45.640
_cell.length_c   108.754
_cell.angle_alpha   90.000
_cell.angle_beta   104.183
_cell.angle_gamma   90.000
#
_symmetry.space_group_name_H-M   'I 1 2 1'
#
loop_
_entity.id
_entity.type
_entity.pdbx_description
1 polymer 'Calcium/calmodulin-dependent protein kinase type 1D'
2 non-polymer 'SULFATE ION'
3 non-polymer 1,2-ETHANEDIOL
4 non-polymer 2-[(3~{S})-3-azanylpiperidin-1-yl]-4-[[3,5-bis(2-cyanopropan-2-yl)phenyl]amino]pyrimidine-5-carboxamide
5 water water
#
_entity_poly.entity_id   1
_entity_poly.type   'polypeptide(L)'
_entity_poly.pdbx_seq_one_letter_code
;MARENGESSSSWKKQAEDIKKIFEFKETLGTGAFSEVVLAEEKATGKLFAVKCIPKKALKGKESSIENEIAVLRKIKHEN
IVALEDIYESPNHLYLVMQLVSGGELFDRIVEKGFYTEKDASTLIRQVLDAVYYLHRMGIVHRDLKPENLLYYSQDEESK
IMISDFGLSKMEGKGDVMSTACGTPGYVAPEVLAQKPYSKAVDCWSIGVIAYILLCGYPPFYDENDSKLFEQILKAEYEF
DSPYWDDISDSAKDFIRNLMEKDPNKRYTCEQAARHPWIAGDTALNKNIHESVSAQIRKNFAKSKWRQAFNATAVVRHMR
KLHLGSSLDSSNASVSSSLSLASQKDCLAPSTLCSFISSSSGVSGVGAERRPRPTTVTAVHSGSK
;
_entity_poly.pdbx_strand_id   AAA
#
# COMPACT_ATOMS: atom_id res chain seq x y z
N TRP A 12 -23.64 -16.04 -5.01
CA TRP A 12 -22.37 -15.65 -4.33
C TRP A 12 -22.60 -14.54 -3.30
N LYS A 13 -23.45 -13.56 -3.61
CA LYS A 13 -23.75 -12.45 -2.67
C LYS A 13 -24.73 -12.97 -1.62
N LYS A 14 -24.43 -12.77 -0.35
CA LYS A 14 -25.39 -13.03 0.74
C LYS A 14 -26.32 -11.82 0.81
N GLN A 15 -27.55 -12.06 1.21
CA GLN A 15 -28.59 -11.00 1.32
C GLN A 15 -28.86 -10.80 2.80
N ALA A 16 -29.02 -9.55 3.23
CA ALA A 16 -29.45 -9.21 4.60
C ALA A 16 -30.51 -8.12 4.54
N GLU A 17 -31.55 -8.27 5.35
CA GLU A 17 -32.58 -7.21 5.51
C GLU A 17 -31.91 -6.02 6.19
N ASP A 18 -30.97 -6.30 7.09
CA ASP A 18 -30.23 -5.29 7.89
C ASP A 18 -28.90 -5.91 8.26
N ILE A 19 -27.80 -5.25 7.92
CA ILE A 19 -26.44 -5.81 8.15
C ILE A 19 -26.23 -6.04 9.65
N LYS A 20 -26.97 -5.34 10.50
CA LYS A 20 -26.85 -5.48 11.97
C LYS A 20 -27.38 -6.85 12.45
N LYS A 21 -28.13 -7.58 11.63
CA LYS A 21 -28.50 -8.99 11.95
C LYS A 21 -27.26 -9.89 11.88
N ILE A 22 -26.20 -9.45 11.20
CA ILE A 22 -24.98 -10.27 10.93
C ILE A 22 -23.82 -9.79 11.81
N PHE A 23 -23.59 -8.47 11.83
CA PHE A 23 -22.37 -7.86 12.42
C PHE A 23 -22.73 -6.83 13.48
N GLU A 24 -21.87 -6.77 14.49
CA GLU A 24 -21.76 -5.62 15.42
C GLU A 24 -20.64 -4.74 14.87
N PHE A 25 -20.93 -3.49 14.56
CA PHE A 25 -19.92 -2.51 14.08
C PHE A 25 -19.29 -1.80 15.28
N LYS A 26 -17.98 -1.67 15.23
CA LYS A 26 -17.16 -0.97 16.24
C LYS A 26 -16.53 0.27 15.60
N GLU A 27 -15.24 0.53 15.84
CA GLU A 27 -14.62 1.80 15.41
C GLU A 27 -14.47 1.79 13.89
N THR A 28 -14.57 2.98 13.32
CA THR A 28 -14.20 3.24 11.92
C THR A 28 -12.68 3.16 11.79
N LEU A 29 -12.24 2.34 10.85
CA LEU A 29 -10.81 2.19 10.51
C LEU A 29 -10.42 3.19 9.43
N GLY A 30 -11.28 3.43 8.43
CA GLY A 30 -11.00 4.36 7.33
C GLY A 30 -12.28 4.96 6.78
N THR A 31 -12.25 6.22 6.37
CA THR A 31 -13.40 6.93 5.74
C THR A 31 -12.95 7.41 4.36
N GLY A 32 -13.72 7.10 3.31
CA GLY A 32 -13.45 7.54 1.93
C GLY A 32 -14.58 8.41 1.40
N ALA A 33 -14.72 8.46 0.07
CA ALA A 33 -15.90 9.02 -0.64
C ALA A 33 -16.97 7.93 -0.73
N PHE A 34 -18.00 7.99 0.13
CA PHE A 34 -19.18 7.09 0.13
C PHE A 34 -18.72 5.63 0.30
N SER A 35 -17.69 5.46 1.11
CA SER A 35 -17.17 4.15 1.54
C SER A 35 -16.63 4.35 2.95
N GLU A 36 -16.92 3.43 3.86
CA GLU A 36 -16.34 3.44 5.22
C GLU A 36 -15.89 2.01 5.52
N VAL A 37 -14.67 1.86 6.04
CA VAL A 37 -14.19 0.54 6.54
C VAL A 37 -14.30 0.57 8.06
N VAL A 38 -15.00 -0.43 8.61
N VAL A 38 -15.04 -0.39 8.61
CA VAL A 38 -15.35 -0.50 10.06
CA VAL A 38 -15.32 -0.49 10.07
C VAL A 38 -14.89 -1.85 10.61
C VAL A 38 -14.83 -1.84 10.59
N LEU A 39 -14.34 -1.85 11.82
CA LEU A 39 -14.11 -3.11 12.55
C LEU A 39 -15.48 -3.71 12.86
N ALA A 40 -15.67 -4.98 12.51
CA ALA A 40 -16.96 -5.68 12.69
C ALA A 40 -16.73 -7.01 13.37
N GLU A 41 -17.62 -7.38 14.27
CA GLU A 41 -17.69 -8.73 14.86
C GLU A 41 -18.89 -9.47 14.26
N GLU A 42 -18.66 -10.64 13.70
CA GLU A 42 -19.73 -11.55 13.21
C GLU A 42 -20.46 -12.09 14.45
N LYS A 43 -21.74 -11.76 14.59
CA LYS A 43 -22.49 -12.08 15.83
C LYS A 43 -22.53 -13.60 16.03
N ALA A 44 -22.63 -14.38 14.95
CA ALA A 44 -22.84 -15.86 15.01
C ALA A 44 -21.59 -16.58 15.52
N THR A 45 -20.40 -16.01 15.36
CA THR A 45 -19.10 -16.71 15.53
C THR A 45 -18.15 -15.98 16.50
N GLY A 46 -18.26 -14.65 16.66
CA GLY A 46 -17.30 -13.85 17.43
C GLY A 46 -16.11 -13.43 16.59
N LYS A 47 -16.02 -13.88 15.33
CA LYS A 47 -14.86 -13.59 14.44
C LYS A 47 -14.87 -12.11 14.05
N LEU A 48 -13.69 -11.51 13.93
CA LEU A 48 -13.55 -10.09 13.56
C LEU A 48 -13.19 -9.96 12.08
N PHE A 49 -13.66 -8.88 11.48
CA PHE A 49 -13.44 -8.55 10.07
C PHE A 49 -13.30 -7.04 9.94
N ALA A 50 -12.77 -6.62 8.82
CA ALA A 50 -12.82 -5.21 8.36
C ALA A 50 -13.91 -5.12 7.29
N VAL A 51 -15.01 -4.42 7.55
CA VAL A 51 -16.16 -4.40 6.62
C VAL A 51 -16.21 -3.05 5.91
N LYS A 52 -16.08 -3.07 4.58
CA LYS A 52 -16.26 -1.88 3.74
C LYS A 52 -17.75 -1.71 3.41
N CYS A 53 -18.31 -0.59 3.86
CA CYS A 53 -19.74 -0.23 3.77
C CYS A 53 -19.91 0.76 2.63
N ILE A 54 -20.71 0.41 1.64
CA ILE A 54 -20.86 1.22 0.39
C ILE A 54 -22.34 1.43 0.11
N PRO A 55 -22.82 2.68 -0.02
CA PRO A 55 -24.20 2.92 -0.43
C PRO A 55 -24.34 2.57 -1.91
N LYS A 56 -25.35 1.78 -2.26
CA LYS A 56 -25.58 1.40 -3.68
C LYS A 56 -25.85 2.66 -4.50
N LYS A 57 -26.45 3.70 -3.92
CA LYS A 57 -26.73 4.96 -4.69
C LYS A 57 -25.41 5.52 -5.24
N ALA A 58 -24.29 5.31 -4.54
CA ALA A 58 -22.96 5.81 -4.96
C ALA A 58 -22.46 5.03 -6.18
N LEU A 59 -23.02 3.84 -6.45
CA LEU A 59 -22.59 2.94 -7.55
C LEU A 59 -23.54 3.04 -8.74
N LYS A 60 -24.63 3.82 -8.63
CA LYS A 60 -25.66 3.96 -9.70
C LYS A 60 -24.96 4.18 -11.04
N GLY A 61 -25.24 3.33 -12.02
CA GLY A 61 -24.64 3.40 -13.37
C GLY A 61 -23.46 2.46 -13.53
N LYS A 62 -22.91 1.93 -12.45
CA LYS A 62 -21.75 0.99 -12.51
C LYS A 62 -21.96 -0.22 -11.61
N GLU A 63 -23.17 -0.39 -11.04
CA GLU A 63 -23.42 -1.42 -9.98
C GLU A 63 -23.05 -2.80 -10.52
N SER A 64 -23.61 -3.18 -11.68
CA SER A 64 -23.37 -4.48 -12.35
C SER A 64 -21.86 -4.68 -12.55
N SER A 65 -21.18 -3.67 -13.10
CA SER A 65 -19.73 -3.74 -13.45
C SER A 65 -18.91 -4.00 -12.18
N ILE A 66 -19.20 -3.24 -11.12
CA ILE A 66 -18.49 -3.33 -9.81
C ILE A 66 -18.78 -4.72 -9.22
N GLU A 67 -20.02 -5.17 -9.25
CA GLU A 67 -20.37 -6.51 -8.71
C GLU A 67 -19.63 -7.60 -9.50
N ASN A 68 -19.55 -7.49 -10.83
CA ASN A 68 -18.86 -8.51 -11.65
C ASN A 68 -17.39 -8.59 -11.25
N GLU A 69 -16.78 -7.45 -10.96
CA GLU A 69 -15.36 -7.39 -10.54
C GLU A 69 -15.19 -8.02 -9.15
N ILE A 70 -16.07 -7.68 -8.22
CA ILE A 70 -16.03 -8.26 -6.85
C ILE A 70 -16.22 -9.78 -6.95
N ALA A 71 -17.05 -10.24 -7.88
CA ALA A 71 -17.35 -11.68 -8.05
C ALA A 71 -16.06 -12.39 -8.45
N VAL A 72 -15.24 -11.76 -9.28
CA VAL A 72 -13.92 -12.33 -9.70
C VAL A 72 -13.01 -12.42 -8.47
N LEU A 73 -12.85 -11.30 -7.76
CA LEU A 73 -11.83 -11.17 -6.69
C LEU A 73 -12.21 -12.00 -5.44
N ARG A 74 -13.49 -12.28 -5.21
CA ARG A 74 -13.89 -13.05 -4.00
C ARG A 74 -13.26 -14.44 -4.06
N LYS A 75 -12.95 -14.93 -5.26
CA LYS A 75 -12.43 -16.31 -5.43
C LYS A 75 -10.91 -16.36 -5.35
N ILE A 76 -10.23 -15.21 -5.19
CA ILE A 76 -8.75 -15.18 -5.33
C ILE A 76 -8.13 -14.60 -4.06
N LYS A 77 -7.22 -15.36 -3.45
CA LYS A 77 -6.47 -14.91 -2.26
C LYS A 77 -5.01 -14.74 -2.66
N HIS A 78 -4.49 -13.56 -2.46
CA HIS A 78 -3.05 -13.26 -2.60
C HIS A 78 -2.45 -13.16 -1.19
N GLU A 79 -1.33 -13.85 -0.97
CA GLU A 79 -0.65 -13.87 0.35
C GLU A 79 -0.48 -12.45 0.92
N ASN A 80 -0.27 -11.44 0.07
CA ASN A 80 0.11 -10.08 0.52
C ASN A 80 -1.04 -9.10 0.28
N ILE A 81 -2.28 -9.58 0.12
CA ILE A 81 -3.46 -8.67 0.00
C ILE A 81 -4.57 -9.17 0.91
N VAL A 82 -5.19 -8.21 1.59
CA VAL A 82 -6.44 -8.43 2.36
C VAL A 82 -7.36 -9.33 1.52
N ALA A 83 -7.81 -10.44 2.11
CA ALA A 83 -8.77 -11.36 1.45
C ALA A 83 -10.17 -10.76 1.46
N LEU A 84 -10.90 -10.94 0.37
CA LEU A 84 -12.33 -10.60 0.32
C LEU A 84 -13.09 -11.86 0.75
N GLU A 85 -13.57 -11.88 1.99
CA GLU A 85 -14.10 -13.09 2.69
C GLU A 85 -15.56 -13.33 2.32
N ASP A 86 -16.32 -12.28 2.07
CA ASP A 86 -17.78 -12.39 1.80
C ASP A 86 -18.28 -11.05 1.30
N ILE A 87 -19.44 -11.09 0.66
CA ILE A 87 -20.16 -9.88 0.21
C ILE A 87 -21.61 -10.02 0.69
N TYR A 88 -22.10 -9.01 1.40
CA TYR A 88 -23.50 -8.90 1.81
C TYR A 88 -24.12 -7.74 1.04
N GLU A 89 -25.35 -7.95 0.64
CA GLU A 89 -26.19 -6.93 -0.01
C GLU A 89 -27.42 -6.71 0.86
N SER A 90 -27.64 -5.48 1.29
CA SER A 90 -28.87 -5.04 1.97
C SER A 90 -29.67 -4.21 0.97
N PRO A 91 -30.88 -3.75 1.31
CA PRO A 91 -31.68 -3.02 0.33
C PRO A 91 -30.95 -1.81 -0.28
N ASN A 92 -30.11 -1.13 0.50
CA ASN A 92 -29.46 0.12 0.04
C ASN A 92 -27.93 0.08 0.14
N HIS A 93 -27.30 -1.01 0.60
CA HIS A 93 -25.82 -1.05 0.73
C HIS A 93 -25.23 -2.36 0.21
N LEU A 94 -23.95 -2.28 -0.13
CA LEU A 94 -23.06 -3.44 -0.30
C LEU A 94 -22.07 -3.44 0.88
N TYR A 95 -21.75 -4.61 1.41
CA TYR A 95 -20.77 -4.77 2.50
C TYR A 95 -19.71 -5.75 2.03
N LEU A 96 -18.48 -5.28 1.85
CA LEU A 96 -17.36 -6.15 1.46
C LEU A 96 -16.67 -6.56 2.75
N VAL A 97 -16.81 -7.82 3.09
CA VAL A 97 -16.26 -8.36 4.35
C VAL A 97 -14.82 -8.75 4.08
N MET A 98 -13.90 -7.98 4.64
CA MET A 98 -12.45 -8.17 4.36
C MET A 98 -11.77 -8.80 5.57
N GLN A 99 -10.70 -9.50 5.31
CA GLN A 99 -9.79 -10.00 6.33
C GLN A 99 -9.31 -8.83 7.20
N LEU A 100 -9.41 -8.95 8.51
CA LEU A 100 -8.83 -7.97 9.46
C LEU A 100 -7.33 -8.26 9.56
N VAL A 101 -6.52 -7.27 9.20
CA VAL A 101 -5.03 -7.35 9.22
C VAL A 101 -4.58 -6.69 10.51
N SER A 102 -4.24 -7.50 11.53
CA SER A 102 -4.21 -7.07 12.94
C SER A 102 -2.80 -6.99 13.51
N GLY A 103 -1.75 -7.23 12.71
CA GLY A 103 -0.38 -7.40 13.22
C GLY A 103 0.36 -6.11 13.52
N GLY A 104 -0.15 -4.95 13.07
CA GLY A 104 0.45 -3.64 13.37
C GLY A 104 0.74 -2.81 12.12
N GLU A 105 0.95 -1.53 12.37
CA GLU A 105 1.31 -0.55 11.32
C GLU A 105 2.79 -0.68 10.94
N LEU A 106 3.10 -0.25 9.73
CA LEU A 106 4.42 -0.43 9.11
C LEU A 106 5.47 0.41 9.85
N PHE A 107 5.28 1.73 9.93
CA PHE A 107 6.27 2.64 10.57
C PHE A 107 6.41 2.32 12.07
N ASP A 108 5.31 2.03 12.77
CA ASP A 108 5.37 1.65 14.20
C ASP A 108 6.35 0.47 14.38
N ARG A 109 6.26 -0.54 13.51
CA ARG A 109 7.10 -1.76 13.59
C ARG A 109 8.56 -1.37 13.42
N ILE A 110 8.84 -0.55 12.41
CA ILE A 110 10.24 -0.15 12.10
C ILE A 110 10.79 0.62 13.30
N VAL A 111 10.02 1.55 13.85
CA VAL A 111 10.46 2.36 15.03
C VAL A 111 10.70 1.42 16.22
N GLU A 112 9.79 0.45 16.42
CA GLU A 112 9.76 -0.47 17.60
C GLU A 112 10.89 -1.50 17.51
N LYS A 113 11.31 -1.90 16.30
CA LYS A 113 12.42 -2.88 16.08
C LYS A 113 13.68 -2.31 16.75
N GLY A 114 14.61 -3.14 17.22
CA GLY A 114 15.94 -2.65 17.65
C GLY A 114 16.95 -2.73 16.52
N PHE A 115 16.60 -3.46 15.47
CA PHE A 115 17.55 -3.86 14.42
C PHE A 115 16.80 -3.89 13.08
N TYR A 116 17.35 -3.23 12.07
CA TYR A 116 16.65 -3.03 10.79
C TYR A 116 17.70 -2.79 9.71
N THR A 117 17.60 -3.53 8.60
CA THR A 117 18.61 -3.49 7.53
C THR A 117 17.96 -3.29 6.16
N GLU A 118 18.80 -3.02 5.16
CA GLU A 118 18.31 -2.99 3.76
C GLU A 118 17.61 -4.30 3.43
N LYS A 119 18.10 -5.43 3.92
CA LYS A 119 17.45 -6.73 3.58
C LYS A 119 16.01 -6.71 4.08
N ASP A 120 15.74 -6.10 5.23
CA ASP A 120 14.36 -5.98 5.75
C ASP A 120 13.53 -5.12 4.81
N ALA A 121 14.06 -3.98 4.38
CA ALA A 121 13.35 -3.09 3.44
C ALA A 121 13.09 -3.84 2.14
N SER A 122 14.10 -4.55 1.63
CA SER A 122 13.97 -5.30 0.35
C SER A 122 12.85 -6.33 0.51
N THR A 123 12.85 -7.07 1.62
CA THR A 123 11.83 -8.10 1.89
C THR A 123 10.43 -7.46 1.84
N LEU A 124 10.25 -6.29 2.43
CA LEU A 124 8.94 -5.59 2.42
C LEU A 124 8.59 -5.22 0.99
N ILE A 125 9.51 -4.60 0.28
CA ILE A 125 9.22 -4.15 -1.10
C ILE A 125 8.91 -5.35 -2.01
N ARG A 126 9.61 -6.47 -1.82
CA ARG A 126 9.37 -7.67 -2.65
C ARG A 126 7.91 -8.09 -2.52
N GLN A 127 7.39 -8.06 -1.29
CA GLN A 127 5.99 -8.48 -1.03
C GLN A 127 5.03 -7.50 -1.71
N VAL A 128 5.31 -6.21 -1.63
CA VAL A 128 4.44 -5.19 -2.26
C VAL A 128 4.47 -5.37 -3.78
N LEU A 129 5.65 -5.59 -4.36
CA LEU A 129 5.78 -5.85 -5.81
C LEU A 129 4.92 -7.06 -6.19
N ASP A 130 4.98 -8.13 -5.41
CA ASP A 130 4.21 -9.34 -5.73
C ASP A 130 2.71 -9.00 -5.76
N ALA A 131 2.24 -8.33 -4.73
CA ALA A 131 0.81 -7.98 -4.58
C ALA A 131 0.37 -7.10 -5.76
N VAL A 132 1.16 -6.07 -6.05
CA VAL A 132 0.79 -5.06 -7.06
C VAL A 132 0.87 -5.65 -8.48
N TYR A 133 1.85 -6.50 -8.75
CA TYR A 133 1.92 -7.23 -10.04
C TYR A 133 0.61 -7.98 -10.26
N TYR A 134 0.14 -8.72 -9.25
CA TYR A 134 -1.14 -9.45 -9.32
C TYR A 134 -2.30 -8.47 -9.58
N LEU A 135 -2.45 -7.38 -8.82
CA LEU A 135 -3.54 -6.41 -9.05
C LEU A 135 -3.49 -5.91 -10.49
N HIS A 136 -2.30 -5.61 -11.02
CA HIS A 136 -2.16 -5.13 -12.41
C HIS A 136 -2.65 -6.18 -13.39
N ARG A 137 -2.30 -7.44 -13.17
CA ARG A 137 -2.74 -8.53 -14.09
C ARG A 137 -4.27 -8.54 -14.12
N MET A 138 -4.90 -8.31 -12.97
CA MET A 138 -6.39 -8.37 -12.87
C MET A 138 -7.01 -7.07 -13.41
N GLY A 139 -6.20 -6.11 -13.85
CA GLY A 139 -6.69 -4.86 -14.45
C GLY A 139 -6.91 -3.76 -13.41
N ILE A 140 -6.35 -3.91 -12.22
CA ILE A 140 -6.52 -2.95 -11.11
C ILE A 140 -5.25 -2.11 -10.96
N VAL A 141 -5.40 -0.81 -11.04
CA VAL A 141 -4.33 0.17 -10.68
C VAL A 141 -4.68 0.67 -9.27
N HIS A 142 -3.81 0.41 -8.31
CA HIS A 142 -4.13 0.70 -6.90
C HIS A 142 -4.33 2.20 -6.70
N ARG A 143 -3.38 3.01 -7.18
CA ARG A 143 -3.42 4.49 -7.22
C ARG A 143 -3.22 5.10 -5.83
N ASP A 144 -3.18 4.32 -4.76
CA ASP A 144 -3.10 4.87 -3.38
C ASP A 144 -2.12 4.04 -2.54
N LEU A 145 -1.02 3.61 -3.15
CA LEU A 145 0.02 2.86 -2.40
C LEU A 145 0.81 3.85 -1.56
N LYS A 146 0.80 3.62 -0.26
CA LYS A 146 1.48 4.46 0.74
C LYS A 146 1.59 3.61 2.00
N PRO A 147 2.48 3.99 2.93
CA PRO A 147 2.68 3.19 4.15
C PRO A 147 1.38 2.91 4.91
N GLU A 148 0.42 3.86 4.91
CA GLU A 148 -0.84 3.74 5.70
C GLU A 148 -1.65 2.53 5.23
N ASN A 149 -1.49 2.09 3.97
CA ASN A 149 -2.27 0.98 3.39
C ASN A 149 -1.53 -0.35 3.60
N LEU A 150 -0.36 -0.35 4.22
CA LEU A 150 0.44 -1.58 4.44
C LEU A 150 0.40 -1.92 5.92
N LEU A 151 -0.12 -3.10 6.24
CA LEU A 151 -0.23 -3.56 7.64
C LEU A 151 0.37 -4.95 7.74
N TYR A 152 0.92 -5.27 8.91
CA TYR A 152 1.44 -6.61 9.16
C TYR A 152 0.32 -7.58 9.50
N TYR A 153 0.44 -8.80 8.99
CA TYR A 153 -0.49 -9.93 9.29
C TYR A 153 -0.44 -10.29 10.78
N SER A 154 0.74 -10.33 11.38
CA SER A 154 0.89 -10.79 12.79
C SER A 154 1.95 -9.95 13.51
N GLN A 155 1.97 -10.04 14.85
CA GLN A 155 2.84 -9.16 15.66
C GLN A 155 4.30 -9.62 15.63
N ASP A 156 4.58 -10.86 15.21
CA ASP A 156 5.95 -11.42 15.34
C ASP A 156 6.86 -10.99 14.19
N GLU A 157 8.15 -11.25 14.38
CA GLU A 157 9.24 -10.70 13.53
C GLU A 157 9.17 -11.33 12.14
N GLU A 158 8.52 -12.49 11.96
CA GLU A 158 8.50 -13.14 10.61
C GLU A 158 7.25 -12.75 9.83
N SER A 159 6.42 -11.88 10.37
CA SER A 159 5.12 -11.53 9.72
C SER A 159 5.36 -10.99 8.31
N LYS A 160 4.54 -11.46 7.38
CA LYS A 160 4.37 -10.81 6.07
C LYS A 160 3.67 -9.46 6.25
N ILE A 161 3.85 -8.60 5.25
CA ILE A 161 3.11 -7.33 5.09
C ILE A 161 1.98 -7.56 4.10
N MET A 162 0.90 -6.80 4.24
CA MET A 162 -0.27 -6.93 3.34
C MET A 162 -0.77 -5.56 2.94
N ILE A 163 -1.18 -5.45 1.69
CA ILE A 163 -2.04 -4.33 1.24
C ILE A 163 -3.38 -4.49 1.96
N SER A 164 -3.71 -3.55 2.84
CA SER A 164 -4.83 -3.70 3.80
C SER A 164 -6.15 -3.24 3.16
N ASP A 165 -6.09 -2.49 2.06
CA ASP A 165 -7.27 -1.85 1.46
C ASP A 165 -6.90 -1.50 0.02
N PHE A 166 -7.84 -1.59 -0.90
CA PHE A 166 -7.66 -1.19 -2.31
C PHE A 166 -9.04 -0.87 -2.88
N GLY A 167 -9.08 -0.04 -3.92
CA GLY A 167 -10.31 0.35 -4.64
C GLY A 167 -10.55 -0.56 -5.84
N LEU A 168 -11.82 -0.74 -6.23
CA LEU A 168 -12.24 -1.57 -7.39
C LEU A 168 -12.15 -0.74 -8.68
N GLY A 186 2.45 13.55 -2.69
CA GLY A 186 3.78 13.12 -2.21
C GLY A 186 4.19 11.76 -2.76
N TYR A 187 3.24 10.83 -2.91
CA TYR A 187 3.40 9.45 -3.42
C TYR A 187 2.85 9.35 -4.86
N VAL A 188 2.31 10.45 -5.39
CA VAL A 188 1.60 10.49 -6.70
C VAL A 188 2.62 10.76 -7.81
N ALA A 189 2.52 10.00 -8.90
CA ALA A 189 3.45 10.03 -10.04
C ALA A 189 3.40 11.39 -10.75
N PRO A 190 4.52 11.84 -11.34
CA PRO A 190 4.56 13.12 -12.07
C PRO A 190 3.49 13.21 -13.17
N GLU A 191 3.24 12.13 -13.91
CA GLU A 191 2.26 12.15 -15.02
C GLU A 191 0.84 12.43 -14.50
N VAL A 192 0.53 12.05 -13.25
CA VAL A 192 -0.79 12.32 -12.61
C VAL A 192 -0.89 13.80 -12.27
N LEU A 193 0.18 14.35 -11.71
CA LEU A 193 0.28 15.80 -11.36
C LEU A 193 0.14 16.65 -12.63
N ALA A 194 0.72 16.19 -13.75
CA ALA A 194 0.70 16.89 -15.05
C ALA A 194 -0.65 16.66 -15.77
N GLN A 195 -1.65 16.13 -15.04
CA GLN A 195 -3.03 15.87 -15.55
C GLN A 195 -2.95 15.13 -16.89
N LYS A 196 -1.95 14.25 -17.06
CA LYS A 196 -1.72 13.48 -18.31
C LYS A 196 -2.35 12.10 -18.17
N PRO A 197 -2.65 11.40 -19.28
CA PRO A 197 -3.15 10.02 -19.20
C PRO A 197 -2.15 9.19 -18.40
N TYR A 198 -2.62 8.26 -17.58
CA TYR A 198 -1.73 7.43 -16.75
C TYR A 198 -2.22 5.99 -16.73
N SER A 199 -1.32 5.14 -16.29
CA SER A 199 -1.40 3.68 -16.40
C SER A 199 -1.02 3.06 -15.05
N LYS A 200 -0.93 1.74 -15.05
CA LYS A 200 -0.40 0.95 -13.92
C LYS A 200 0.98 1.47 -13.48
N ALA A 201 1.75 2.14 -14.33
CA ALA A 201 3.11 2.64 -13.97
C ALA A 201 3.04 3.59 -12.78
N VAL A 202 1.90 4.24 -12.51
CA VAL A 202 1.83 5.18 -11.35
C VAL A 202 2.09 4.40 -10.06
N ASP A 203 1.68 3.15 -10.01
CA ASP A 203 1.89 2.33 -8.79
C ASP A 203 3.38 2.05 -8.58
N CYS A 204 4.11 1.86 -9.68
CA CYS A 204 5.57 1.57 -9.61
C CYS A 204 6.30 2.79 -9.05
N TRP A 205 5.89 3.99 -9.44
CA TRP A 205 6.41 5.25 -8.86
C TRP A 205 6.19 5.23 -7.35
N SER A 206 4.96 4.97 -6.92
CA SER A 206 4.61 4.96 -5.47
C SER A 206 5.47 3.94 -4.72
N ILE A 207 5.72 2.77 -5.30
CA ILE A 207 6.55 1.74 -4.63
C ILE A 207 7.98 2.30 -4.47
N GLY A 208 8.49 3.00 -5.48
CA GLY A 208 9.82 3.64 -5.37
C GLY A 208 9.86 4.64 -4.23
N VAL A 209 8.81 5.43 -4.06
CA VAL A 209 8.73 6.42 -2.96
C VAL A 209 8.72 5.68 -1.61
N ILE A 210 7.95 4.60 -1.50
CA ILE A 210 7.92 3.80 -0.25
C ILE A 210 9.31 3.25 0.04
N ALA A 211 10.00 2.73 -0.97
CA ALA A 211 11.36 2.17 -0.80
C ALA A 211 12.31 3.27 -0.28
N TYR A 212 12.20 4.47 -0.85
CA TYR A 212 13.00 5.62 -0.42
C TYR A 212 12.80 5.84 1.08
N ILE A 213 11.55 5.97 1.52
CA ILE A 213 11.26 6.25 2.95
C ILE A 213 11.75 5.09 3.80
N LEU A 214 11.56 3.85 3.34
CA LEU A 214 12.03 2.70 4.14
C LEU A 214 13.55 2.72 4.36
N LEU A 215 14.34 3.35 3.49
CA LEU A 215 15.81 3.30 3.67
C LEU A 215 16.36 4.53 4.38
N CYS A 216 15.58 5.60 4.54
CA CYS A 216 16.12 6.81 5.22
C CYS A 216 15.17 7.39 6.27
N GLY A 217 13.88 7.09 6.20
CA GLY A 217 12.90 7.54 7.20
C GLY A 217 12.27 8.89 6.89
N TYR A 218 12.50 9.46 5.71
CA TYR A 218 11.84 10.73 5.33
C TYR A 218 11.43 10.70 3.86
N PRO A 219 10.43 11.50 3.48
CA PRO A 219 9.98 11.48 2.09
C PRO A 219 10.97 12.12 1.15
N PRO A 220 11.01 11.66 -0.12
CA PRO A 220 11.96 12.20 -1.09
C PRO A 220 11.59 13.61 -1.58
N PHE A 221 10.32 13.99 -1.49
CA PHE A 221 9.81 15.31 -1.92
C PHE A 221 9.04 15.92 -0.78
N TYR A 222 9.44 17.12 -0.41
CA TYR A 222 8.63 17.96 0.49
C TYR A 222 9.10 19.40 0.41
N ASP A 223 8.12 20.31 0.41
CA ASP A 223 8.34 21.76 0.59
C ASP A 223 7.07 22.31 1.23
N GLU A 224 7.21 23.26 2.18
CA GLU A 224 6.08 23.97 2.83
C GLU A 224 5.22 24.62 1.73
N ASN A 225 5.87 25.07 0.64
CA ASN A 225 5.22 25.69 -0.54
C ASN A 225 4.73 24.58 -1.50
N ASP A 226 3.41 24.47 -1.70
CA ASP A 226 2.78 23.43 -2.55
C ASP A 226 3.25 23.60 -4.01
N SER A 227 3.37 24.84 -4.51
CA SER A 227 3.83 25.13 -5.90
C SER A 227 5.24 24.56 -6.12
N LYS A 228 6.15 24.80 -5.16
CA LYS A 228 7.56 24.32 -5.26
C LYS A 228 7.54 22.80 -5.23
N LEU A 229 6.72 22.22 -4.33
CA LEU A 229 6.59 20.75 -4.15
C LEU A 229 6.08 20.13 -5.46
N PHE A 230 5.02 20.71 -6.03
CA PHE A 230 4.41 20.29 -7.31
C PHE A 230 5.52 20.21 -8.37
N GLU A 231 6.32 21.27 -8.50
CA GLU A 231 7.39 21.38 -9.51
C GLU A 231 8.47 20.32 -9.24
N GLN A 232 8.85 20.09 -7.97
CA GLN A 232 9.90 19.10 -7.64
C GLN A 232 9.41 17.71 -8.08
N ILE A 233 8.16 17.37 -7.78
CA ILE A 233 7.63 16.03 -8.18
C ILE A 233 7.53 15.96 -9.70
N LEU A 234 6.98 16.98 -10.35
CA LEU A 234 6.81 17.01 -11.83
C LEU A 234 8.17 16.76 -12.50
N LYS A 235 9.26 17.29 -11.95
CA LYS A 235 10.63 17.20 -12.52
C LYS A 235 11.38 15.98 -11.97
N ALA A 236 10.79 15.23 -11.03
CA ALA A 236 11.44 14.09 -10.34
C ALA A 236 12.79 14.54 -9.77
N GLU A 237 12.77 15.68 -9.08
CA GLU A 237 13.97 16.30 -8.44
C GLU A 237 14.04 15.80 -7.01
N TYR A 238 14.90 14.82 -6.77
CA TYR A 238 15.19 14.27 -5.42
C TYR A 238 16.65 13.85 -5.39
N GLU A 239 17.14 13.59 -4.17
CA GLU A 239 18.54 13.24 -3.95
C GLU A 239 18.64 12.18 -2.87
N PHE A 240 19.73 11.43 -2.91
CA PHE A 240 20.16 10.54 -1.83
C PHE A 240 21.15 11.31 -0.96
N ASP A 241 20.61 12.18 -0.11
CA ASP A 241 21.44 13.16 0.60
C ASP A 241 22.21 12.51 1.77
N SER A 242 23.36 13.09 2.04
CA SER A 242 24.23 12.76 3.19
C SER A 242 23.72 13.46 4.44
N PRO A 243 23.93 12.90 5.64
CA PRO A 243 24.62 11.62 5.83
C PRO A 243 23.72 10.38 5.69
N TYR A 244 22.41 10.61 5.57
CA TYR A 244 21.38 9.55 5.72
C TYR A 244 21.62 8.42 4.72
N TRP A 245 22.07 8.74 3.51
CA TRP A 245 22.22 7.74 2.43
C TRP A 245 23.65 7.21 2.31
N ASP A 246 24.58 7.64 3.16
CA ASP A 246 26.01 7.29 2.95
C ASP A 246 26.26 5.79 3.10
N ASP A 247 25.54 5.12 3.98
CA ASP A 247 25.80 3.67 4.23
C ASP A 247 24.75 2.81 3.51
N ILE A 248 23.97 3.39 2.61
CA ILE A 248 23.04 2.65 1.73
C ILE A 248 23.77 2.23 0.46
N SER A 249 23.54 1.00 0.02
CA SER A 249 24.18 0.41 -1.16
C SER A 249 23.88 1.19 -2.44
N ASP A 250 24.82 1.14 -3.37
CA ASP A 250 24.59 1.62 -4.74
C ASP A 250 23.40 0.87 -5.33
N SER A 251 23.28 -0.42 -5.04
CA SER A 251 22.20 -1.26 -5.62
C SER A 251 20.83 -0.72 -5.21
N ALA A 252 20.65 -0.37 -3.94
CA ALA A 252 19.38 0.17 -3.44
C ALA A 252 19.10 1.47 -4.18
N LYS A 253 20.12 2.31 -4.29
CA LYS A 253 19.89 3.63 -4.93
C LYS A 253 19.48 3.44 -6.39
N ASP A 254 20.13 2.51 -7.09
CA ASP A 254 19.80 2.21 -8.50
C ASP A 254 18.36 1.68 -8.57
N PHE A 255 18.00 0.78 -7.65
CA PHE A 255 16.63 0.23 -7.59
C PHE A 255 15.61 1.38 -7.51
N ILE A 256 15.83 2.30 -6.56
CA ILE A 256 14.91 3.44 -6.37
C ILE A 256 14.90 4.33 -7.62
N ARG A 257 16.06 4.63 -8.21
CA ARG A 257 16.11 5.53 -9.40
C ARG A 257 15.26 4.93 -10.53
N ASN A 258 15.20 3.61 -10.65
CA ASN A 258 14.51 2.94 -11.78
C ASN A 258 12.99 3.03 -11.59
N LEU A 259 12.53 3.13 -10.34
CA LEU A 259 11.08 3.26 -10.03
C LEU A 259 10.67 4.73 -9.96
N MET A 260 11.50 5.57 -9.34
CA MET A 260 11.24 7.03 -9.25
C MET A 260 11.84 7.66 -10.51
N GLU A 261 11.30 7.25 -11.65
CA GLU A 261 11.71 7.69 -13.01
C GLU A 261 10.55 8.51 -13.55
N LYS A 262 10.80 9.76 -13.91
CA LYS A 262 9.79 10.72 -14.41
C LYS A 262 8.97 10.14 -15.56
N ASP A 263 9.63 9.48 -16.51
CA ASP A 263 9.02 8.99 -17.76
C ASP A 263 8.44 7.62 -17.50
N PRO A 264 7.09 7.47 -17.48
CA PRO A 264 6.49 6.18 -17.18
C PRO A 264 6.89 5.10 -18.20
N ASN A 265 7.28 5.47 -19.41
CA ASN A 265 7.74 4.51 -20.45
C ASN A 265 9.09 3.87 -20.05
N LYS A 266 9.96 4.66 -19.42
N LYS A 266 9.99 4.63 -19.42
CA LYS A 266 11.33 4.22 -19.00
CA LYS A 266 11.34 4.10 -19.02
C LYS A 266 11.25 3.52 -17.64
C LYS A 266 11.28 3.52 -17.60
N ARG A 267 10.29 3.94 -16.81
CA ARG A 267 10.12 3.46 -15.42
C ARG A 267 10.07 1.93 -15.38
N TYR A 268 10.73 1.30 -14.41
CA TYR A 268 10.58 -0.15 -14.18
C TYR A 268 9.11 -0.46 -13.92
N THR A 269 8.66 -1.57 -14.50
CA THR A 269 7.40 -2.23 -14.08
C THR A 269 7.65 -3.01 -12.79
N CYS A 270 6.58 -3.53 -12.18
CA CYS A 270 6.72 -4.42 -11.01
C CYS A 270 7.56 -5.65 -11.39
N GLU A 271 7.32 -6.21 -12.57
CA GLU A 271 8.04 -7.39 -13.08
C GLU A 271 9.54 -7.09 -13.15
N GLN A 272 9.90 -5.94 -13.74
CA GLN A 272 11.32 -5.56 -13.89
C GLN A 272 11.93 -5.31 -12.51
N ALA A 273 11.23 -4.61 -11.64
CA ALA A 273 11.75 -4.31 -10.29
C ALA A 273 11.98 -5.61 -9.52
N ALA A 274 11.10 -6.61 -9.69
CA ALA A 274 11.22 -7.89 -8.95
C ALA A 274 12.46 -8.66 -9.40
N ARG A 275 12.99 -8.38 -10.60
CA ARG A 275 14.20 -9.05 -11.11
C ARG A 275 15.49 -8.31 -10.73
N HIS A 276 15.39 -7.09 -10.22
CA HIS A 276 16.59 -6.29 -9.88
C HIS A 276 17.33 -7.00 -8.76
N PRO A 277 18.69 -6.98 -8.76
CA PRO A 277 19.44 -7.70 -7.73
C PRO A 277 19.10 -7.30 -6.28
N TRP A 278 18.68 -6.06 -6.05
CA TRP A 278 18.37 -5.63 -4.67
C TRP A 278 17.16 -6.41 -4.13
N ILE A 279 16.28 -6.86 -5.00
CA ILE A 279 15.11 -7.71 -4.64
C ILE A 279 15.45 -9.19 -4.84
N ALA A 280 15.94 -9.57 -6.01
CA ALA A 280 16.03 -11.00 -6.42
C ALA A 280 17.38 -11.59 -6.04
N GLY A 281 18.38 -10.74 -5.82
CA GLY A 281 19.75 -11.18 -5.57
C GLY A 281 20.19 -10.84 -4.16
N ASP A 282 21.49 -10.64 -3.99
CA ASP A 282 22.08 -10.58 -2.62
C ASP A 282 22.74 -9.21 -2.42
N THR A 283 22.30 -8.17 -3.11
CA THR A 283 22.97 -6.87 -3.00
C THR A 283 22.42 -6.06 -1.80
N ALA A 284 21.25 -6.39 -1.25
CA ALA A 284 20.74 -5.66 -0.07
C ALA A 284 21.71 -5.88 1.10
N LEU A 285 22.14 -4.80 1.73
CA LEU A 285 23.10 -4.88 2.84
C LEU A 285 22.45 -5.35 4.15
N ASN A 286 23.35 -5.70 5.08
N ASN A 286 23.28 -5.74 5.11
CA ASN A 286 23.08 -6.36 6.38
CA ASN A 286 22.82 -6.27 6.41
C ASN A 286 23.44 -5.40 7.52
C ASN A 286 23.41 -5.39 7.52
N LYS A 287 23.65 -4.11 7.22
CA LYS A 287 24.04 -3.09 8.23
C LYS A 287 22.79 -2.68 9.00
N ASN A 288 22.90 -2.59 10.33
CA ASN A 288 21.80 -2.08 11.15
C ASN A 288 21.69 -0.55 10.96
N ILE A 289 20.66 -0.12 10.23
CA ILE A 289 20.41 1.31 9.94
C ILE A 289 19.21 1.79 10.75
N HIS A 290 18.81 1.04 11.77
CA HIS A 290 17.64 1.39 12.60
C HIS A 290 17.81 2.77 13.22
N GLU A 291 18.98 3.12 13.76
CA GLU A 291 19.11 4.35 14.58
C GLU A 291 18.67 5.54 13.72
N SER A 292 19.26 5.69 12.54
CA SER A 292 19.00 6.86 11.68
C SER A 292 17.59 6.77 11.10
N VAL A 293 17.15 5.60 10.62
CA VAL A 293 15.83 5.52 9.96
C VAL A 293 14.75 5.85 11.00
N SER A 294 14.83 5.27 12.19
N SER A 294 14.83 5.25 12.19
CA SER A 294 13.82 5.47 13.25
CA SER A 294 13.86 5.47 13.28
C SER A 294 13.84 6.93 13.71
C SER A 294 13.84 6.95 13.68
N ALA A 295 15.01 7.56 13.81
CA ALA A 295 15.10 8.98 14.23
C ALA A 295 14.41 9.84 13.17
N GLN A 296 14.62 9.53 11.90
CA GLN A 296 14.04 10.35 10.80
C GLN A 296 12.53 10.11 10.74
N ILE A 297 12.06 8.88 10.93
CA ILE A 297 10.59 8.63 10.92
C ILE A 297 9.98 9.50 12.03
N ARG A 298 10.58 9.47 13.21
CA ARG A 298 10.03 10.21 14.38
C ARG A 298 9.99 11.70 14.06
N LYS A 299 11.04 12.24 13.46
CA LYS A 299 11.21 13.71 13.21
C LYS A 299 10.37 14.19 12.02
N ASN A 300 10.16 13.36 11.00
CA ASN A 300 9.54 13.83 9.73
C ASN A 300 8.04 13.61 9.72
N PHE A 301 7.53 12.79 10.63
CA PHE A 301 6.09 12.48 10.67
C PHE A 301 5.50 12.94 12.00
N ALA A 302 4.18 13.06 12.03
CA ALA A 302 3.43 13.64 13.18
C ALA A 302 3.84 12.94 14.47
#